data_6UUR
#
_entry.id   6UUR
#
_cell.length_a   1.00
_cell.length_b   1.00
_cell.length_c   1.00
_cell.angle_alpha   90.00
_cell.angle_beta   90.00
_cell.angle_gamma   90.00
#
_symmetry.space_group_name_H-M   'P 1'
#
_entity_poly.entity_id   1
_entity_poly.type   'polypeptide(L)'
_entity_poly.pdbx_seq_one_letter_code
;GTHSQWNKPSKPKTNMKHMAGAAAAGAVVGGLGGYMLGSAMSRPIIHFGSDYEDRYYRENMHRYPNQVYYRPMDEYSNQN
NFVHD
;
_entity_poly.pdbx_strand_id   A,B,C,D,E,F,G,H,I,J
#
# COMPACT_ATOMS: atom_id res chain seq x y z
N LYS A 13 -31.80 5.34 9.66
CA LYS A 13 -30.63 4.47 9.70
C LYS A 13 -29.67 4.79 8.57
N THR A 14 -28.42 5.05 8.92
CA THR A 14 -27.39 5.41 7.96
C THR A 14 -26.22 4.46 8.11
N ASN A 15 -25.62 4.07 6.98
CA ASN A 15 -24.65 2.99 6.97
C ASN A 15 -23.46 3.37 6.10
N MET A 16 -22.25 3.16 6.62
CA MET A 16 -21.02 3.34 5.87
C MET A 16 -20.10 2.18 6.22
N LYS A 17 -19.75 1.35 5.24
CA LYS A 17 -19.15 0.06 5.55
C LYS A 17 -18.12 -0.34 4.50
N HIS A 18 -17.07 -1.02 4.95
CA HIS A 18 -16.13 -1.74 4.10
C HIS A 18 -15.47 -0.81 3.07
N MET A 19 -14.63 0.09 3.58
CA MET A 19 -13.92 1.04 2.76
C MET A 19 -12.44 1.07 3.10
N ALA A 20 -11.64 1.47 2.13
CA ALA A 20 -10.21 1.69 2.32
C ALA A 20 -9.73 2.73 1.31
N GLY A 21 -8.78 3.55 1.72
CA GLY A 21 -8.26 4.58 0.86
C GLY A 21 -7.52 4.06 -0.35
N ALA A 22 -6.38 3.41 -0.10
CA ALA A 22 -5.59 2.83 -1.18
C ALA A 22 -5.04 1.49 -0.73
N ALA A 23 -5.04 0.53 -1.65
CA ALA A 23 -4.53 -0.80 -1.37
C ALA A 23 -3.69 -1.27 -2.55
N ALA A 24 -2.48 -1.74 -2.26
CA ALA A 24 -1.55 -2.16 -3.29
C ALA A 24 -0.80 -3.42 -2.85
N ALA A 25 -0.62 -4.34 -3.79
CA ALA A 25 0.04 -5.60 -3.52
C ALA A 25 0.92 -5.98 -4.70
N GLY A 26 2.15 -6.40 -4.41
CA GLY A 26 3.06 -6.74 -5.49
C GLY A 26 4.33 -7.36 -4.95
N ALA A 27 5.21 -7.71 -5.88
CA ALA A 27 6.47 -8.35 -5.51
C ALA A 27 7.53 -8.03 -6.55
N VAL A 28 8.76 -7.94 -6.08
CA VAL A 28 9.92 -7.63 -6.94
C VAL A 28 10.92 -8.76 -6.78
N VAL A 29 11.32 -9.36 -7.90
CA VAL A 29 12.26 -10.48 -7.92
C VAL A 29 13.45 -10.07 -8.78
N GLY A 30 14.65 -10.20 -8.22
CA GLY A 30 15.84 -9.79 -8.94
C GLY A 30 16.94 -10.83 -8.99
N GLY A 31 17.29 -11.26 -10.20
CA GLY A 31 18.37 -12.22 -10.38
C GLY A 31 19.64 -11.55 -10.88
N LEU A 32 20.63 -11.43 -10.01
CA LEU A 32 21.86 -10.73 -10.32
C LEU A 32 23.11 -11.56 -10.11
N GLY A 33 23.06 -12.58 -9.28
CA GLY A 33 24.21 -13.43 -9.06
C GLY A 33 23.74 -14.75 -8.50
N GLY A 34 24.69 -15.66 -8.30
CA GLY A 34 24.34 -16.98 -7.85
C GLY A 34 23.71 -17.78 -8.98
N TYR A 35 23.10 -18.89 -8.58
CA TYR A 35 22.54 -19.81 -9.57
C TYR A 35 21.03 -19.76 -9.67
N MET A 36 20.34 -19.69 -8.53
CA MET A 36 18.87 -19.67 -8.44
C MET A 36 18.24 -20.90 -9.11
N LEU A 37 18.62 -22.07 -8.61
CA LEU A 37 18.02 -23.33 -9.04
C LEU A 37 16.66 -23.58 -8.40
N GLY A 38 16.27 -22.78 -7.42
CA GLY A 38 15.07 -23.06 -6.67
C GLY A 38 13.84 -22.36 -7.19
N SER A 39 13.34 -21.39 -6.44
CA SER A 39 12.14 -20.64 -6.81
C SER A 39 12.11 -19.35 -6.01
N ALA A 40 11.27 -18.42 -6.46
CA ALA A 40 10.95 -17.20 -5.72
C ALA A 40 9.44 -16.98 -5.87
N MET A 41 8.68 -17.51 -4.92
CA MET A 41 7.23 -17.50 -4.97
C MET A 41 6.69 -16.45 -4.00
N SER A 42 5.70 -15.69 -4.46
CA SER A 42 5.06 -14.68 -3.64
C SER A 42 3.57 -14.65 -3.95
N ARG A 43 2.74 -14.70 -2.92
CA ARG A 43 1.29 -14.60 -3.07
C ARG A 43 0.72 -13.68 -2.01
N PRO A 44 0.85 -12.35 -2.19
CA PRO A 44 0.23 -11.42 -1.24
C PRO A 44 -1.19 -11.07 -1.63
N ILE A 45 -2.15 -11.25 -0.71
CA ILE A 45 -3.54 -10.95 -1.00
C ILE A 45 -4.03 -9.87 -0.04
N ILE A 46 -5.09 -9.18 -0.47
CA ILE A 46 -5.79 -8.19 0.34
C ILE A 46 -7.28 -8.41 0.17
N HIS A 47 -7.99 -8.68 1.26
CA HIS A 47 -9.43 -8.92 1.22
C HIS A 47 -10.11 -7.95 2.17
N PHE A 48 -11.19 -7.33 1.72
CA PHE A 48 -11.96 -6.41 2.54
C PHE A 48 -12.97 -7.21 3.35
N GLY A 49 -13.92 -6.53 3.98
CA GLY A 49 -14.89 -7.18 4.84
C GLY A 49 -16.17 -7.50 4.09
N SER A 50 -16.60 -8.75 4.23
CA SER A 50 -17.77 -9.28 3.53
C SER A 50 -19.01 -9.19 4.43
N ASP A 51 -20.15 -8.88 3.82
CA ASP A 51 -21.39 -8.65 4.53
C ASP A 51 -22.25 -9.90 4.52
N TYR A 52 -22.86 -10.20 5.66
CA TYR A 52 -23.78 -11.33 5.75
C TYR A 52 -25.09 -10.94 6.41
N LYS B 13 31.60 -5.61 -9.81
CA LYS B 13 30.75 -4.83 -8.92
C LYS B 13 29.28 -4.98 -9.30
N THR B 14 28.46 -5.37 -8.34
CA THR B 14 27.04 -5.58 -8.57
C THR B 14 26.25 -4.75 -7.57
N ASN B 15 25.14 -4.17 -8.04
CA ASN B 15 24.42 -3.17 -7.26
C ASN B 15 22.93 -3.44 -7.33
N MET B 16 22.27 -3.40 -6.17
CA MET B 16 20.82 -3.49 -6.06
C MET B 16 20.37 -2.49 -5.02
N LYS B 17 19.58 -1.49 -5.44
CA LYS B 17 19.38 -0.33 -4.58
C LYS B 17 17.96 0.22 -4.73
N HIS B 18 17.41 0.74 -3.62
CA HIS B 18 16.20 1.56 -3.60
C HIS B 18 15.00 0.83 -4.21
N MET B 19 14.57 -0.21 -3.49
CA MET B 19 13.43 -1.02 -3.91
C MET B 19 12.44 -1.20 -2.76
N ALA B 20 11.19 -1.44 -3.14
CA ALA B 20 10.14 -1.78 -2.19
C ALA B 20 9.08 -2.61 -2.91
N GLY B 21 8.49 -3.56 -2.18
CA GLY B 21 7.50 -4.44 -2.76
C GLY B 21 6.23 -3.71 -3.17
N ALA B 22 5.51 -3.19 -2.19
CA ALA B 22 4.28 -2.46 -2.46
C ALA B 22 4.20 -1.26 -1.53
N ALA B 23 3.71 -0.14 -2.06
CA ALA B 23 3.57 1.09 -1.29
C ALA B 23 2.24 1.72 -1.61
N ALA B 24 1.47 2.06 -0.58
CA ALA B 24 0.14 2.62 -0.77
C ALA B 24 -0.11 3.73 0.24
N ALA B 25 -0.73 4.81 -0.21
CA ALA B 25 -1.03 5.95 0.64
C ALA B 25 -2.40 6.50 0.30
N GLY B 26 -3.19 6.79 1.33
CA GLY B 26 -4.53 7.29 1.08
C GLY B 26 -5.20 7.71 2.37
N ALA B 27 -6.43 8.21 2.23
CA ALA B 27 -7.18 8.69 3.37
C ALA B 27 -8.66 8.52 3.12
N VAL B 28 -9.41 8.27 4.19
CA VAL B 28 -10.85 8.07 4.15
C VAL B 28 -11.50 9.09 5.07
N VAL B 29 -12.42 9.88 4.54
CA VAL B 29 -13.11 10.92 5.29
C VAL B 29 -14.60 10.63 5.24
N GLY B 30 -15.24 10.57 6.40
CA GLY B 30 -16.65 10.25 6.47
C GLY B 30 -17.49 11.22 7.27
N GLY B 31 -18.45 11.86 6.61
CA GLY B 31 -19.36 12.76 7.27
C GLY B 31 -20.72 12.15 7.50
N LEU B 32 -21.02 11.81 8.74
CA LEU B 32 -22.26 11.11 9.09
C LEU B 32 -23.09 11.81 10.15
N GLY B 33 -22.48 12.65 10.98
CA GLY B 33 -23.22 13.38 11.99
C GLY B 33 -22.41 14.59 12.40
N GLY B 34 -23.00 15.37 13.29
CA GLY B 34 -22.36 16.60 13.69
C GLY B 34 -22.43 17.64 12.59
N TYR B 35 -21.63 18.68 12.76
CA TYR B 35 -21.70 19.81 11.84
C TYR B 35 -20.54 19.87 10.85
N MET B 36 -19.31 19.61 11.33
CA MET B 36 -18.07 19.66 10.54
C MET B 36 -17.88 21.02 9.88
N LEU B 37 -17.81 22.05 10.72
CA LEU B 37 -17.48 23.40 10.28
C LEU B 37 -15.99 23.60 10.03
N GLY B 38 -15.16 22.63 10.42
CA GLY B 38 -13.72 22.83 10.36
C GLY B 38 -13.09 22.33 9.09
N SER B 39 -12.32 21.24 9.19
CA SER B 39 -11.62 20.65 8.06
C SER B 39 -11.23 19.22 8.42
N ALA B 40 -10.88 18.45 7.39
CA ALA B 40 -10.28 17.12 7.55
C ALA B 40 -9.16 17.04 6.51
N MET B 41 -7.95 17.41 6.92
CA MET B 41 -6.81 17.48 6.02
C MET B 41 -5.89 16.29 6.26
N SER B 42 -5.40 15.70 5.17
CA SER B 42 -4.48 14.58 5.25
C SER B 42 -3.47 14.70 4.11
N ARG B 43 -2.19 14.58 4.45
CA ARG B 43 -1.11 14.60 3.46
C ARG B 43 -0.10 13.52 3.79
N PRO B 44 -0.41 12.25 3.45
CA PRO B 44 0.58 11.19 3.67
C PRO B 44 1.48 10.99 2.46
N ILE B 45 2.80 11.04 2.66
CA ILE B 45 3.74 10.88 1.55
C ILE B 45 4.61 9.66 1.81
N ILE B 46 5.17 9.13 0.72
CA ILE B 46 6.13 8.04 0.76
C ILE B 46 7.25 8.38 -0.22
N HIS B 47 8.48 8.46 0.27
CA HIS B 47 9.63 8.77 -0.56
C HIS B 47 10.68 7.68 -0.39
N PHE B 48 11.23 7.23 -1.51
CA PHE B 48 12.27 6.20 -1.49
C PHE B 48 13.62 6.89 -1.28
N GLY B 49 14.71 6.14 -1.48
CA GLY B 49 16.04 6.66 -1.24
C GLY B 49 16.65 7.20 -2.52
N SER B 50 17.19 8.41 -2.42
CA SER B 50 17.76 9.13 -3.56
C SER B 50 19.27 8.93 -3.60
N ASP B 51 19.81 8.81 -4.81
CA ASP B 51 21.22 8.52 -5.02
C ASP B 51 22.00 9.80 -5.29
N TYR B 52 23.19 9.90 -4.69
CA TYR B 52 24.06 11.04 -4.94
C TYR B 52 25.48 10.60 -5.27
N LYS C 13 30.25 -4.32 -14.31
CA LYS C 13 29.38 -3.57 -13.41
C LYS C 13 27.93 -3.75 -13.80
N THR C 14 27.11 -4.16 -12.84
CA THR C 14 25.69 -4.41 -13.07
C THR C 14 24.88 -3.59 -12.07
N ASN C 15 23.76 -3.05 -12.54
CA ASN C 15 23.02 -2.07 -11.76
C ASN C 15 21.52 -2.36 -11.83
N MET C 16 20.88 -2.35 -10.67
CA MET C 16 19.42 -2.47 -10.57
C MET C 16 18.95 -1.49 -9.52
N LYS C 17 18.13 -0.51 -9.93
CA LYS C 17 17.90 0.64 -9.07
C LYS C 17 16.47 1.16 -9.22
N HIS C 18 15.91 1.65 -8.11
CA HIS C 18 14.69 2.45 -8.09
C HIS C 18 13.50 1.70 -8.70
N MET C 19 13.10 0.64 -7.98
CA MET C 19 11.98 -0.19 -8.42
C MET C 19 10.99 -0.40 -7.28
N ALA C 20 9.74 -0.66 -7.66
CA ALA C 20 8.70 -1.04 -6.71
C ALA C 20 7.65 -1.88 -7.44
N GLY C 21 7.09 -2.85 -6.72
CA GLY C 21 6.11 -3.74 -7.32
C GLY C 21 4.83 -3.05 -7.72
N ALA C 22 4.10 -2.54 -6.74
CA ALA C 22 2.85 -1.83 -7.00
C ALA C 22 2.74 -0.65 -6.06
N ALA C 23 2.23 0.47 -6.59
CA ALA C 23 2.06 1.68 -5.81
C ALA C 23 0.72 2.29 -6.13
N ALA C 24 -0.06 2.60 -5.10
CA ALA C 24 -1.40 3.14 -5.29
C ALA C 24 -1.69 4.22 -4.27
N ALA C 25 -2.33 5.29 -4.71
CA ALA C 25 -2.66 6.42 -3.85
C ALA C 25 -4.04 6.94 -4.19
N GLY C 26 -4.83 7.21 -3.17
CA GLY C 26 -6.18 7.67 -3.42
C GLY C 26 -6.86 8.07 -2.12
N ALA C 27 -8.10 8.54 -2.27
CA ALA C 27 -8.87 8.99 -1.12
C ALA C 27 -10.35 8.79 -1.38
N VAL C 28 -11.09 8.51 -0.31
CA VAL C 28 -12.52 8.29 -0.36
C VAL C 28 -13.20 9.29 0.58
N VAL C 29 -14.14 10.06 0.05
CA VAL C 29 -14.86 11.08 0.80
C VAL C 29 -16.34 10.75 0.74
N GLY C 30 -16.98 10.68 1.90
CA GLY C 30 -18.38 10.32 1.97
C GLY C 30 -19.24 11.26 2.77
N GLY C 31 -20.21 11.88 2.11
CA GLY C 31 -21.15 12.77 2.78
C GLY C 31 -22.50 12.12 3.00
N LEU C 32 -22.80 11.76 4.24
CA LEU C 32 -24.02 11.03 4.58
C LEU C 32 -24.86 11.70 5.64
N GLY C 33 -24.28 12.55 6.47
CA GLY C 33 -25.03 13.26 7.50
C GLY C 33 -24.25 14.48 7.91
N GLY C 34 -24.86 15.24 8.81
CA GLY C 34 -24.25 16.48 9.22
C GLY C 34 -24.35 17.53 8.13
N TYR C 35 -23.57 18.59 8.31
CA TYR C 35 -23.66 19.72 7.40
C TYR C 35 -22.50 19.81 6.41
N MET C 36 -21.27 19.58 6.89
CA MET C 36 -20.03 19.66 6.10
C MET C 36 -19.86 21.03 5.46
N LEU C 37 -19.82 22.06 6.30
CA LEU C 37 -19.52 23.42 5.87
C LEU C 37 -18.03 23.64 5.63
N GLY C 38 -17.18 22.70 6.01
CA GLY C 38 -15.75 22.93 5.96
C GLY C 38 -15.10 22.44 4.68
N SER C 39 -14.31 21.38 4.78
CA SER C 39 -13.59 20.82 3.64
C SER C 39 -13.16 19.40 4.00
N ALA C 40 -12.80 18.65 2.96
CA ALA C 40 -12.17 17.33 3.12
C ALA C 40 -11.05 17.28 2.08
N MET C 41 -9.85 17.66 2.49
CA MET C 41 -8.71 17.77 1.60
C MET C 41 -7.76 16.61 1.83
N SER C 42 -7.26 16.04 0.74
CA SER C 42 -6.31 14.93 0.81
C SER C 42 -5.30 15.08 -0.31
N ARG C 43 -4.01 15.00 0.02
CA ARG C 43 -2.94 15.05 -0.97
C ARG C 43 -1.90 13.98 -0.66
N PRO C 44 -2.19 12.71 -0.99
CA PRO C 44 -1.17 11.67 -0.78
C PRO C 44 -0.26 11.50 -1.99
N ILE C 45 1.05 11.58 -1.79
CA ILE C 45 1.99 11.45 -2.89
C ILE C 45 2.90 10.25 -2.64
N ILE C 46 3.47 9.74 -3.73
CA ILE C 46 4.47 8.67 -3.70
C ILE C 46 5.57 9.04 -4.68
N HIS C 47 6.80 9.14 -4.18
CA HIS C 47 7.94 9.50 -5.01
C HIS C 47 9.01 8.42 -4.84
N PHE C 48 9.58 7.99 -5.96
CA PHE C 48 10.63 6.99 -5.94
C PHE C 48 11.98 7.69 -5.73
N GLY C 49 13.08 6.98 -5.93
CA GLY C 49 14.40 7.53 -5.69
C GLY C 49 15.01 8.10 -6.96
N SER C 50 15.51 9.33 -6.85
CA SER C 50 16.07 10.05 -7.98
C SER C 50 17.58 9.89 -8.02
N ASP C 51 18.13 9.79 -9.23
CA ASP C 51 19.54 9.53 -9.44
C ASP C 51 20.29 10.83 -9.68
N TYR C 52 21.48 10.95 -9.10
CA TYR C 52 22.32 12.12 -9.33
C TYR C 52 23.75 11.71 -9.65
N LYS D 13 -30.20 5.52 14.23
CA LYS D 13 -29.04 4.63 14.28
C LYS D 13 -28.07 4.92 13.15
N THR D 14 -26.81 5.15 13.49
CA THR D 14 -25.78 5.49 12.52
C THR D 14 -24.62 4.51 12.68
N ASN D 15 -24.05 4.10 11.55
CA ASN D 15 -23.08 3.01 11.54
C ASN D 15 -21.90 3.36 10.66
N MET D 16 -20.69 3.13 11.19
CA MET D 16 -19.45 3.27 10.42
C MET D 16 -18.55 2.11 10.79
N LYS D 17 -18.23 1.26 9.81
CA LYS D 17 -17.65 -0.05 10.14
C LYS D 17 -16.64 -0.48 9.09
N HIS D 18 -15.60 -1.17 9.54
CA HIS D 18 -14.66 -1.93 8.69
C HIS D 18 -14.00 -1.01 7.64
N MET D 19 -13.14 -0.12 8.16
CA MET D 19 -12.41 0.81 7.31
C MET D 19 -10.93 0.81 7.66
N ALA D 20 -10.12 1.19 6.68
CA ALA D 20 -8.69 1.39 6.88
C ALA D 20 -8.19 2.39 5.85
N GLY D 21 -7.23 3.21 6.26
CA GLY D 21 -6.70 4.24 5.38
C GLY D 21 -5.97 3.69 4.18
N ALA D 22 -4.84 3.00 4.42
CA ALA D 22 -4.07 2.41 3.35
C ALA D 22 -3.54 1.05 3.80
N ALA D 23 -3.55 0.09 2.89
CA ALA D 23 -3.07 -1.25 3.18
C ALA D 23 -2.24 -1.74 2.01
N ALA D 24 -1.04 -2.25 2.31
CA ALA D 24 -0.12 -2.68 1.27
C ALA D 24 0.60 -3.95 1.71
N ALA D 25 0.76 -4.88 0.78
CA ALA D 25 1.40 -6.16 1.06
C ALA D 25 2.27 -6.55 -0.12
N GLY D 26 3.48 -7.01 0.16
CA GLY D 26 4.38 -7.37 -0.91
C GLY D 26 5.65 -8.00 -0.37
N ALA D 27 6.52 -8.39 -1.30
CA ALA D 27 7.76 -9.05 -0.93
C ALA D 27 8.82 -8.76 -1.97
N VAL D 28 10.07 -8.68 -1.51
CA VAL D 28 11.23 -8.41 -2.36
C VAL D 28 12.21 -9.56 -2.21
N VAL D 29 12.58 -10.17 -3.32
CA VAL D 29 13.50 -11.30 -3.34
C VAL D 29 14.70 -10.93 -4.20
N GLY D 30 15.89 -11.08 -3.65
CA GLY D 30 17.10 -10.70 -4.36
C GLY D 30 18.17 -11.76 -4.42
N GLY D 31 18.51 -12.20 -5.61
CA GLY D 31 19.57 -13.18 -5.80
C GLY D 31 20.85 -12.55 -6.31
N LEU D 32 21.85 -12.44 -5.44
CA LEU D 32 23.09 -11.76 -5.75
C LEU D 32 24.33 -12.61 -5.55
N GLY D 33 24.26 -13.63 -4.70
CA GLY D 33 25.39 -14.51 -4.47
C GLY D 33 24.89 -15.82 -3.91
N GLY D 34 25.83 -16.73 -3.71
CA GLY D 34 25.46 -18.05 -3.25
C GLY D 34 24.80 -18.84 -4.36
N TYR D 35 24.16 -19.94 -3.96
CA TYR D 35 23.60 -20.85 -4.94
C TYR D 35 22.08 -20.78 -5.05
N MET D 36 21.39 -20.68 -3.90
CA MET D 36 19.92 -20.64 -3.80
C MET D 36 19.27 -21.85 -4.47
N LEU D 37 19.63 -23.03 -3.96
CA LEU D 37 19.00 -24.28 -4.38
C LEU D 37 17.65 -24.50 -3.73
N GLY D 38 17.27 -23.68 -2.76
CA GLY D 38 16.07 -23.93 -2.00
C GLY D 38 14.83 -23.22 -2.52
N SER D 39 14.37 -22.22 -1.79
CA SER D 39 13.18 -21.46 -2.15
C SER D 39 13.18 -20.16 -1.36
N ALA D 40 12.36 -19.21 -1.82
CA ALA D 40 12.07 -17.98 -1.08
C ALA D 40 10.56 -17.74 -1.23
N MET D 41 9.80 -18.25 -0.27
CA MET D 41 8.35 -18.20 -0.32
C MET D 41 7.83 -17.13 0.63
N SER D 42 6.85 -16.37 0.18
CA SER D 42 6.22 -15.33 1.00
C SER D 42 4.74 -15.27 0.67
N ARG D 43 3.92 -15.30 1.72
CA ARG D 43 2.46 -15.18 1.56
C ARG D 43 1.91 -14.23 2.62
N PRO D 44 2.07 -12.91 2.42
CA PRO D 44 1.48 -11.97 3.38
C PRO D 44 0.05 -11.58 3.00
N ILE D 45 -0.89 -11.74 3.92
CA ILE D 45 -2.28 -11.41 3.62
C ILE D 45 -2.75 -10.32 4.58
N ILE D 46 -3.80 -9.60 4.14
CA ILE D 46 -4.47 -8.60 4.96
C ILE D 46 -5.98 -8.80 4.78
N HIS D 47 -6.69 -9.04 5.87
CA HIS D 47 -8.13 -9.24 5.83
C HIS D 47 -8.79 -8.26 6.79
N PHE D 48 -9.86 -7.61 6.33
CA PHE D 48 -10.60 -6.68 7.15
C PHE D 48 -11.63 -7.45 7.97
N GLY D 49 -12.56 -6.74 8.60
CA GLY D 49 -13.55 -7.37 9.47
C GLY D 49 -14.83 -7.68 8.72
N SER D 50 -15.29 -8.92 8.88
CA SER D 50 -16.47 -9.42 8.18
C SER D 50 -17.70 -9.29 9.07
N ASP D 51 -18.83 -8.97 8.47
CA ASP D 51 -20.08 -8.70 9.18
C ASP D 51 -20.95 -9.95 9.18
N TYR D 52 -21.57 -10.23 10.33
CA TYR D 52 -22.51 -11.35 10.43
C TYR D 52 -23.81 -10.92 11.09
N LYS E 13 -33.38 5.11 5.05
CA LYS E 13 -32.20 4.26 5.10
C LYS E 13 -31.23 4.61 3.97
N THR E 14 -29.99 4.90 4.32
CA THR E 14 -28.97 5.28 3.36
C THR E 14 -27.76 4.35 3.51
N ASN E 15 -27.17 3.99 2.38
CA ASN E 15 -26.17 2.93 2.37
C ASN E 15 -24.99 3.34 1.50
N MET E 16 -23.78 3.15 2.02
CA MET E 16 -22.54 3.35 1.28
C MET E 16 -21.60 2.22 1.63
N LYS E 17 -21.24 1.40 0.65
CA LYS E 17 -20.60 0.12 0.95
C LYS E 17 -19.58 -0.25 -0.10
N HIS E 18 -18.49 -0.91 0.35
CA HIS E 18 -17.53 -1.61 -0.51
C HIS E 18 -16.90 -0.66 -1.53
N MET E 19 -16.09 0.26 -1.01
CA MET E 19 -15.39 1.23 -1.83
C MET E 19 -13.91 1.29 -1.48
N ALA E 20 -13.11 1.72 -2.46
CA ALA E 20 -11.70 1.97 -2.25
C ALA E 20 -11.23 3.01 -3.25
N GLY E 21 -10.30 3.86 -2.83
CA GLY E 21 -9.80 4.92 -3.69
C GLY E 21 -9.05 4.41 -4.91
N ALA E 22 -7.91 3.77 -4.66
CA ALA E 22 -7.10 3.23 -5.74
C ALA E 22 -6.52 1.89 -5.30
N ALA E 23 -6.49 0.94 -6.22
CA ALA E 23 -5.96 -0.39 -5.95
C ALA E 23 -5.10 -0.83 -7.12
N ALA E 24 -3.88 -1.28 -6.83
CA ALA E 24 -2.93 -1.67 -7.87
C ALA E 24 -2.17 -2.90 -7.44
N ALA E 25 -1.97 -3.82 -8.38
CA ALA E 25 -1.27 -5.07 -8.11
C ALA E 25 -0.39 -5.41 -9.29
N GLY E 26 0.85 -5.81 -9.00
CA GLY E 26 1.77 -6.13 -10.08
C GLY E 26 3.05 -6.72 -9.55
N ALA E 27 3.95 -7.06 -10.47
CA ALA E 27 5.21 -7.68 -10.11
C ALA E 27 6.26 -7.32 -11.14
N VAL E 28 7.51 -7.20 -10.67
CA VAL E 28 8.65 -6.87 -11.52
C VAL E 28 9.68 -7.98 -11.36
N VAL E 29 10.08 -8.57 -12.49
CA VAL E 29 11.05 -9.65 -12.51
C VAL E 29 12.23 -9.22 -13.36
N GLY E 30 13.44 -9.33 -12.81
CA GLY E 30 14.63 -8.89 -13.52
C GLY E 30 15.75 -9.90 -13.57
N GLY E 31 16.11 -10.32 -14.78
CA GLY E 31 17.20 -11.25 -14.97
C GLY E 31 18.46 -10.55 -15.47
N LEU E 32 19.45 -10.41 -14.59
CA LEU E 32 20.66 -9.68 -14.89
C LEU E 32 21.94 -10.48 -14.69
N GLY E 33 21.91 -11.51 -13.85
CA GLY E 33 23.08 -12.35 -13.64
C GLY E 33 22.62 -13.68 -13.09
N GLY E 34 23.59 -14.56 -12.88
CA GLY E 34 23.28 -15.90 -12.45
C GLY E 34 22.65 -16.70 -13.58
N TYR E 35 22.06 -17.83 -13.19
CA TYR E 35 21.54 -18.75 -14.18
C TYR E 35 20.03 -18.73 -14.30
N MET E 36 19.33 -18.69 -13.15
CA MET E 36 17.86 -18.70 -13.06
C MET E 36 17.26 -19.94 -13.74
N LEU E 37 17.66 -21.10 -13.25
CA LEU E 37 17.09 -22.38 -13.69
C LEU E 37 15.75 -22.66 -13.06
N GLY E 38 15.33 -21.87 -12.07
CA GLY E 38 14.14 -22.18 -11.32
C GLY E 38 12.88 -21.52 -11.84
N SER E 39 12.36 -20.54 -11.09
CA SER E 39 11.15 -19.82 -11.46
C SER E 39 11.09 -18.53 -10.64
N ALA E 40 10.23 -17.62 -11.10
CA ALA E 40 9.88 -16.41 -10.35
C ALA E 40 8.38 -16.24 -10.50
N MET E 41 7.63 -16.78 -9.55
CA MET E 41 6.17 -16.80 -9.61
C MET E 41 5.62 -15.76 -8.64
N SER E 42 4.60 -15.03 -9.09
CA SER E 42 3.93 -14.04 -8.27
C SER E 42 2.45 -14.03 -8.58
N ARG E 43 1.62 -14.11 -7.56
CA ARG E 43 0.16 -14.05 -7.72
C ARG E 43 -0.43 -13.14 -6.64
N PRO E 44 -0.33 -11.81 -6.83
CA PRO E 44 -0.96 -10.90 -5.86
C PRO E 44 -2.40 -10.58 -6.25
N ILE E 45 -3.34 -10.78 -5.33
CA ILE E 45 -4.75 -10.50 -5.64
C ILE E 45 -5.26 -9.44 -4.67
N ILE E 46 -6.34 -8.78 -5.09
CA ILE E 46 -7.05 -7.81 -4.27
C ILE E 46 -8.54 -8.06 -4.46
N HIS E 47 -9.25 -8.35 -3.37
CA HIS E 47 -10.68 -8.61 -3.42
C HIS E 47 -11.39 -7.67 -2.46
N PHE E 48 -12.48 -7.07 -2.91
CA PHE E 48 -13.26 -6.17 -2.08
C PHE E 48 -14.27 -7.00 -1.28
N GLY E 49 -15.23 -6.34 -0.65
CA GLY E 49 -16.19 -7.02 0.20
C GLY E 49 -17.45 -7.37 -0.55
N SER E 50 -17.87 -8.63 -0.41
CA SER E 50 -19.02 -9.16 -1.11
C SER E 50 -20.26 -9.12 -0.23
N ASP E 51 -21.40 -8.82 -0.84
CA ASP E 51 -22.65 -8.62 -0.12
C ASP E 51 -23.47 -9.90 -0.14
N TYR E 52 -24.09 -10.21 1.00
CA TYR E 52 -24.98 -11.37 1.07
C TYR E 52 -26.31 -11.02 1.73
N LYS F 13 32.93 -6.90 -5.31
CA LYS F 13 32.10 -6.09 -4.42
C LYS F 13 30.63 -6.22 -4.80
N THR F 14 29.79 -6.58 -3.82
CA THR F 14 28.37 -6.76 -4.05
C THR F 14 27.61 -5.89 -3.06
N ASN F 15 26.51 -5.31 -3.54
CA ASN F 15 25.81 -4.28 -2.76
C ASN F 15 24.31 -4.51 -2.82
N MET F 16 23.67 -4.46 -1.66
CA MET F 16 22.21 -4.51 -1.55
C MET F 16 21.78 -3.48 -0.51
N LYS F 17 21.01 -2.48 -0.94
CA LYS F 17 20.84 -1.30 -0.09
C LYS F 17 19.44 -0.72 -0.24
N HIS F 18 18.91 -0.19 0.86
CA HIS F 18 17.71 0.66 0.88
C HIS F 18 16.49 -0.05 0.29
N MET F 19 16.04 -1.07 1.01
CA MET F 19 14.88 -1.86 0.60
C MET F 19 13.89 -2.00 1.75
N ALA F 20 12.63 -2.21 1.38
CA ALA F 20 11.58 -2.53 2.34
C ALA F 20 10.50 -3.34 1.63
N GLY F 21 9.90 -4.26 2.36
CA GLY F 21 8.88 -5.12 1.79
C GLY F 21 7.63 -4.38 1.38
N ALA F 22 6.92 -3.82 2.36
CA ALA F 22 5.70 -3.07 2.09
C ALA F 22 5.65 -1.86 3.01
N ALA F 23 5.20 -0.73 2.47
CA ALA F 23 5.08 0.50 3.23
C ALA F 23 3.76 1.17 2.90
N ALA F 24 3.00 1.53 3.93
CA ALA F 24 1.69 2.12 3.74
C ALA F 24 1.46 3.23 4.75
N ALA F 25 0.86 4.33 4.30
CA ALA F 25 0.60 5.48 5.13
C ALA F 25 -0.76 6.06 4.79
N GLY F 26 -1.54 6.38 5.82
CA GLY F 26 -2.87 6.90 5.57
C GLY F 26 -3.53 7.35 6.86
N ALA F 27 -4.75 7.86 6.71
CA ALA F 27 -5.48 8.38 7.86
C ALA F 27 -6.97 8.24 7.61
N VAL F 28 -7.72 8.00 8.69
CA VAL F 28 -9.16 7.85 8.64
C VAL F 28 -9.78 8.89 9.57
N VAL F 29 -10.69 9.69 9.04
CA VAL F 29 -11.36 10.76 9.77
C VAL F 29 -12.86 10.50 9.73
N GLY F 30 -13.49 10.47 10.89
CA GLY F 30 -14.90 10.17 10.97
C GLY F 30 -15.73 11.17 11.76
N GLY F 31 -16.67 11.83 11.10
CA GLY F 31 -17.55 12.76 11.76
C GLY F 31 -18.94 12.18 11.99
N LEU F 32 -19.24 11.85 13.24
CA LEU F 32 -20.48 11.17 13.59
C LEU F 32 -21.30 11.90 14.65
N GLY F 33 -20.67 12.74 15.48
CA GLY F 33 -21.38 13.49 16.48
C GLY F 33 -20.56 14.68 16.88
N GLY F 34 -21.12 15.48 17.77
CA GLY F 34 -20.45 16.70 18.16
C GLY F 34 -20.51 17.74 17.05
N TYR F 35 -19.68 18.76 17.20
CA TYR F 35 -19.73 19.88 16.28
C TYR F 35 -18.57 19.91 15.29
N MET F 36 -17.35 19.63 15.77
CA MET F 36 -16.11 19.64 14.97
C MET F 36 -15.88 21.00 14.30
N LEU F 37 -15.79 22.03 15.14
CA LEU F 37 -15.43 23.37 14.68
C LEU F 37 -13.93 23.53 14.43
N GLY F 38 -13.13 22.55 14.82
CA GLY F 38 -11.69 22.71 14.76
C GLY F 38 -11.06 22.18 13.49
N SER F 39 -10.32 21.09 13.60
CA SER F 39 -9.64 20.47 12.47
C SER F 39 -9.27 19.04 12.84
N ALA F 40 -8.95 18.25 11.81
CA ALA F 40 -8.38 16.92 11.99
C ALA F 40 -7.26 16.79 10.94
N MET F 41 -6.05 17.13 11.34
CA MET F 41 -4.91 17.17 10.43
C MET F 41 -4.01 15.97 10.68
N SER F 42 -3.54 15.36 9.61
CA SER F 42 -2.65 14.22 9.68
C SER F 42 -1.63 14.30 8.55
N ARG F 43 -0.36 14.17 8.88
CA ARG F 43 0.71 14.15 7.89
C ARG F 43 1.71 13.04 8.22
N PRO F 44 1.37 11.79 7.90
CA PRO F 44 2.33 10.70 8.12
C PRO F 44 3.23 10.48 6.91
N ILE F 45 4.55 10.49 7.11
CA ILE F 45 5.47 10.31 6.00
C ILE F 45 6.32 9.07 6.26
N ILE F 46 6.86 8.52 5.18
CA ILE F 46 7.81 7.41 5.22
C ILE F 46 8.92 7.71 4.23
N HIS F 47 10.16 7.77 4.72
CA HIS F 47 11.32 8.05 3.89
C HIS F 47 12.33 6.93 4.07
N PHE F 48 12.87 6.45 2.95
CA PHE F 48 13.89 5.41 2.97
C PHE F 48 15.26 6.06 3.17
N GLY F 49 16.33 5.29 2.98
CA GLY F 49 17.67 5.78 3.20
C GLY F 49 18.30 6.30 1.92
N SER F 50 18.86 7.51 2.01
CA SER F 50 19.44 8.20 0.87
C SER F 50 20.94 7.97 0.82
N ASP F 51 21.48 7.82 -0.38
CA ASP F 51 22.88 7.49 -0.60
C ASP F 51 23.69 8.76 -0.87
N TYR F 52 24.88 8.83 -0.29
CA TYR F 52 25.78 9.96 -0.54
C TYR F 52 27.19 9.48 -0.87
N LYS G 13 28.89 -3.02 -18.80
CA LYS G 13 28.01 -2.31 -17.90
C LYS G 13 26.55 -2.51 -18.29
N THR G 14 25.73 -2.95 -17.34
CA THR G 14 24.33 -3.23 -17.58
C THR G 14 23.50 -2.44 -16.57
N ASN G 15 22.36 -1.92 -17.04
CA ASN G 15 21.60 -0.96 -16.25
C ASN G 15 20.12 -1.29 -16.33
N MET G 16 19.46 -1.30 -15.17
CA MET G 16 18.01 -1.46 -15.08
C MET G 16 17.51 -0.49 -14.02
N LYS G 17 16.67 0.47 -14.42
CA LYS G 17 16.41 1.61 -13.56
C LYS G 17 14.98 2.11 -13.70
N HIS G 18 14.40 2.57 -12.59
CA HIS G 18 13.16 3.34 -12.56
C HIS G 18 11.99 2.56 -13.19
N MET G 19 11.61 1.50 -12.48
CA MET G 19 10.51 0.65 -12.92
C MET G 19 9.52 0.41 -11.79
N ALA G 20 8.28 0.11 -12.17
CA ALA G 20 7.24 -0.29 -11.23
C ALA G 20 6.23 -1.15 -11.97
N GLY G 21 5.68 -2.14 -11.26
CA GLY G 21 4.73 -3.05 -11.86
C GLY G 21 3.43 -2.38 -12.27
N ALA G 22 2.68 -1.90 -11.28
CA ALA G 22 1.42 -1.22 -11.54
C ALA G 22 1.28 -0.05 -10.59
N ALA G 23 0.75 1.06 -11.11
CA ALA G 23 0.54 2.26 -10.32
C ALA G 23 -0.81 2.85 -10.65
N ALA G 24 -1.60 3.13 -9.62
CA ALA G 24 -2.95 3.64 -9.81
C ALA G 24 -3.26 4.71 -8.77
N ALA G 25 -3.94 5.77 -9.21
CA ALA G 25 -4.28 6.88 -8.35
C ALA G 25 -5.67 7.38 -8.69
N GLY G 26 -6.48 7.61 -7.66
CA GLY G 26 -7.84 8.05 -7.91
C GLY G 26 -8.53 8.42 -6.62
N ALA G 27 -9.78 8.86 -6.76
CA ALA G 27 -10.56 9.30 -5.61
C ALA G 27 -12.03 9.06 -5.87
N VAL G 28 -12.77 8.76 -4.81
CA VAL G 28 -14.20 8.50 -4.86
C VAL G 28 -14.89 9.48 -3.93
N VAL G 29 -15.85 10.23 -4.45
CA VAL G 29 -16.60 11.23 -3.69
C VAL G 29 -18.08 10.87 -3.76
N GLY G 30 -18.72 10.77 -2.59
CA GLY G 30 -20.11 10.39 -2.54
C GLY G 30 -20.99 11.30 -1.74
N GLY G 31 -21.97 11.91 -2.38
CA GLY G 31 -22.92 12.77 -1.71
C GLY G 31 -24.27 12.09 -1.51
N LEU G 32 -24.56 11.71 -0.27
CA LEU G 32 -25.75 10.94 0.06
C LEU G 32 -26.62 11.59 1.13
N GLY G 33 -26.06 12.44 1.98
CA GLY G 33 -26.84 13.12 2.99
C GLY G 33 -26.09 14.37 3.43
N GLY G 34 -26.71 15.11 4.32
CA GLY G 34 -26.12 16.36 4.74
C GLY G 34 -26.25 17.41 3.66
N TYR G 35 -25.50 18.49 3.84
CA TYR G 35 -25.61 19.62 2.94
C TYR G 35 -24.45 19.75 1.96
N MET G 36 -23.22 19.53 2.45
CA MET G 36 -21.98 19.65 1.66
C MET G 36 -21.83 21.03 1.02
N LEU G 37 -21.81 22.05 1.88
CA LEU G 37 -21.54 23.42 1.45
C LEU G 37 -20.07 23.68 1.22
N GLY G 38 -19.20 22.76 1.60
CA GLY G 38 -17.78 23.02 1.55
C GLY G 38 -17.11 22.56 0.28
N SER G 39 -16.29 21.52 0.37
CA SER G 39 -15.56 20.97 -0.77
C SER G 39 -15.10 19.56 -0.43
N ALA G 40 -14.71 18.83 -1.47
CA ALA G 40 -14.05 17.53 -1.32
C ALA G 40 -12.93 17.50 -2.36
N MET G 41 -11.74 17.91 -1.94
CA MET G 41 -10.60 18.05 -2.83
C MET G 41 -9.62 16.91 -2.61
N SER G 42 -9.11 16.35 -3.70
CA SER G 42 -8.14 15.28 -3.63
C SER G 42 -7.13 15.45 -4.75
N ARG G 43 -5.85 15.40 -4.41
CA ARG G 43 -4.77 15.48 -5.41
C ARG G 43 -3.71 14.43 -5.09
N PRO G 44 -3.95 13.16 -5.43
CA PRO G 44 -2.92 12.14 -5.24
C PRO G 44 -2.01 12.01 -6.44
N ILE G 45 -0.69 12.11 -6.23
CA ILE G 45 0.25 12.01 -7.34
C ILE G 45 1.18 10.83 -7.09
N ILE G 46 1.77 10.34 -8.20
CA ILE G 46 2.79 9.29 -8.16
C ILE G 46 3.88 9.69 -9.13
N HIS G 47 5.10 9.83 -8.63
CA HIS G 47 6.25 10.20 -9.45
C HIS G 47 7.34 9.16 -9.29
N PHE G 48 7.93 8.75 -10.42
CA PHE G 48 9.01 7.76 -10.40
C PHE G 48 10.32 8.51 -10.18
N GLY G 49 11.44 7.82 -10.38
CA GLY G 49 12.75 8.39 -10.13
C GLY G 49 13.35 8.99 -11.40
N SER G 50 13.82 10.22 -11.28
CA SER G 50 14.37 10.97 -12.40
C SER G 50 15.88 10.85 -12.43
N ASP G 51 16.44 10.77 -13.64
CA ASP G 51 17.86 10.54 -13.86
C ASP G 51 18.58 11.86 -14.09
N TYR G 52 19.75 12.00 -13.49
CA TYR G 52 20.58 13.18 -13.72
C TYR G 52 22.02 12.82 -14.04
N LYS H 13 -28.54 5.81 18.79
CA LYS H 13 -27.41 4.89 18.85
C LYS H 13 -26.43 5.16 17.71
N THR H 14 -25.17 5.37 18.05
CA THR H 14 -24.13 5.66 17.08
C THR H 14 -23.00 4.67 17.24
N ASN H 15 -22.43 4.24 16.11
CA ASN H 15 -21.50 3.12 16.11
C ASN H 15 -20.30 3.43 15.23
N MET H 16 -19.10 3.18 15.75
CA MET H 16 -17.86 3.29 14.99
C MET H 16 -16.99 2.10 15.36
N LYS H 17 -16.69 1.24 14.38
CA LYS H 17 -16.14 -0.07 14.72
C LYS H 17 -15.14 -0.53 13.67
N HIS H 18 -14.11 -1.25 14.12
CA HIS H 18 -13.20 -2.02 13.27
C HIS H 18 -12.51 -1.13 12.22
N MET H 19 -11.63 -0.26 12.73
CA MET H 19 -10.88 0.65 11.87
C MET H 19 -9.40 0.61 12.22
N ALA H 20 -8.58 0.97 11.23
CA ALA H 20 -7.16 1.14 11.42
C ALA H 20 -6.63 2.13 10.39
N GLY H 21 -5.65 2.93 10.79
CA GLY H 21 -5.09 3.93 9.90
C GLY H 21 -4.38 3.35 8.70
N ALA H 22 -3.28 2.65 8.95
CA ALA H 22 -2.52 2.02 7.88
C ALA H 22 -2.01 0.67 8.34
N ALA H 23 -2.05 -0.31 7.43
CA ALA H 23 -1.61 -1.66 7.73
C ALA H 23 -0.78 -2.18 6.57
N ALA H 24 0.40 -2.70 6.86
CA ALA H 24 1.31 -3.16 5.83
C ALA H 24 2.00 -4.45 6.27
N ALA H 25 2.13 -5.39 5.36
CA ALA H 25 2.75 -6.68 5.63
C ALA H 25 3.61 -7.09 4.46
N GLY H 26 4.81 -7.57 4.74
CA GLY H 26 5.70 -7.97 3.67
C GLY H 26 6.95 -8.63 4.21
N ALA H 27 7.81 -9.04 3.28
CA ALA H 27 9.04 -9.72 3.65
C ALA H 27 10.10 -9.46 2.61
N VAL H 28 11.36 -9.42 3.06
CA VAL H 28 12.51 -9.17 2.21
C VAL H 28 13.47 -10.34 2.37
N VAL H 29 13.83 -10.97 1.26
CA VAL H 29 14.72 -12.13 1.25
C VAL H 29 15.92 -11.78 0.38
N GLY H 30 17.12 -11.96 0.93
CA GLY H 30 18.33 -11.62 0.22
C GLY H 30 19.38 -12.70 0.16
N GLY H 31 19.71 -13.16 -1.03
CA GLY H 31 20.74 -14.16 -1.21
C GLY H 31 22.03 -13.56 -1.73
N LEU H 32 23.03 -13.47 -0.86
CA LEU H 32 24.29 -12.82 -1.19
C LEU H 32 25.51 -13.70 -0.97
N GLY H 33 25.43 -14.71 -0.13
CA GLY H 33 26.53 -15.62 0.11
C GLY H 33 26.01 -16.90 0.68
N GLY H 34 26.92 -17.84 0.89
CA GLY H 34 26.52 -19.15 1.36
C GLY H 34 25.84 -19.93 0.26
N TYR H 35 25.18 -21.01 0.67
CA TYR H 35 24.59 -21.92 -0.30
C TYR H 35 23.08 -21.80 -0.41
N MET H 36 22.39 -21.69 0.74
CA MET H 36 20.92 -21.61 0.84
C MET H 36 20.25 -22.81 0.19
N LEU H 37 20.58 -24.00 0.70
CA LEU H 37 19.93 -25.23 0.29
C LEU H 37 18.56 -25.41 0.94
N GLY H 38 18.21 -24.58 1.91
CA GLY H 38 17.00 -24.80 2.68
C GLY H 38 15.79 -24.07 2.15
N SER H 39 15.34 -23.06 2.88
CA SER H 39 14.18 -22.26 2.51
C SER H 39 14.21 -20.96 3.30
N ALA H 40 13.40 -20.00 2.83
CA ALA H 40 13.14 -18.75 3.56
C ALA H 40 11.64 -18.49 3.41
N MET H 41 10.87 -18.97 4.37
CA MET H 41 9.42 -18.88 4.33
C MET H 41 8.93 -17.80 5.28
N SER H 42 7.96 -17.02 4.82
CA SER H 42 7.37 -15.96 5.63
C SER H 42 5.89 -15.87 5.32
N ARG H 43 5.06 -15.87 6.36
CA ARG H 43 3.60 -15.72 6.21
C ARG H 43 3.09 -14.74 7.25
N PRO H 44 3.27 -13.43 7.05
CA PRO H 44 2.70 -12.47 8.00
C PRO H 44 1.29 -12.06 7.62
N ILE H 45 0.34 -12.18 8.54
CA ILE H 45 -1.04 -11.82 8.25
C ILE H 45 -1.48 -10.71 9.20
N ILE H 46 -2.52 -9.99 8.77
CA ILE H 46 -3.17 -8.95 9.57
C ILE H 46 -4.67 -9.12 9.39
N HIS H 47 -5.38 -9.34 10.49
CA HIS H 47 -6.83 -9.50 10.46
C HIS H 47 -7.46 -8.50 11.41
N PHE H 48 -8.52 -7.84 10.94
CA PHE H 48 -9.24 -6.87 11.76
C PHE H 48 -10.28 -7.63 12.59
N GLY H 49 -11.20 -6.90 13.22
CA GLY H 49 -12.19 -7.49 14.09
C GLY H 49 -13.49 -7.78 13.35
N SER H 50 -13.97 -9.00 13.51
CA SER H 50 -15.17 -9.48 12.83
C SER H 50 -16.39 -9.33 13.72
N ASP H 51 -17.52 -8.98 13.11
CA ASP H 51 -18.75 -8.68 13.83
C ASP H 51 -19.65 -9.90 13.85
N TYR H 52 -20.28 -10.16 14.99
CA TYR H 52 -21.24 -11.25 15.10
C TYR H 52 -22.54 -10.79 15.77
N LYS I 13 -35.06 4.63 0.49
CA LYS I 13 -33.85 3.81 0.53
C LYS I 13 -32.89 4.19 -0.59
N THR I 14 -31.65 4.51 -0.22
CA THR I 14 -30.64 4.94 -1.18
C THR I 14 -29.42 4.03 -1.04
N ASN I 15 -28.82 3.69 -2.17
CA ASN I 15 -27.78 2.66 -2.19
C ASN I 15 -26.61 3.12 -3.05
N MET I 16 -25.40 2.96 -2.53
CA MET I 16 -24.17 3.20 -3.26
C MET I 16 -23.19 2.09 -2.92
N LYS I 17 -22.81 1.28 -3.92
CA LYS I 17 -22.15 0.02 -3.62
C LYS I 17 -21.10 -0.32 -4.67
N HIS I 18 -20.01 -0.95 -4.23
CA HIS I 18 -19.03 -1.62 -5.09
C HIS I 18 -18.41 -0.64 -6.10
N MET I 19 -17.63 0.29 -5.57
CA MET I 19 -16.95 1.30 -6.38
C MET I 19 -15.48 1.38 -6.02
N ALA I 20 -14.68 1.84 -6.99
CA ALA I 20 -13.28 2.13 -6.78
C ALA I 20 -12.84 3.20 -7.77
N GLY I 21 -11.94 4.07 -7.34
CA GLY I 21 -11.47 5.14 -8.18
C GLY I 21 -10.69 4.67 -9.40
N ALA I 22 -9.53 4.06 -9.16
CA ALA I 22 -8.71 3.54 -10.24
C ALA I 22 -8.09 2.22 -9.81
N ALA I 23 -8.04 1.27 -10.75
CA ALA I 23 -7.47 -0.04 -10.48
C ALA I 23 -6.59 -0.44 -11.65
N ALA I 24 -5.37 -0.87 -11.36
CA ALA I 24 -4.41 -1.22 -12.40
C ALA I 24 -3.61 -2.44 -11.98
N ALA I 25 -3.39 -3.34 -12.93
CA ALA I 25 -2.66 -4.57 -12.68
C ALA I 25 -1.75 -4.89 -13.85
N GLY I 26 -0.52 -5.25 -13.57
CA GLY I 26 0.42 -5.53 -14.65
C GLY I 26 1.71 -6.09 -14.11
N ALA I 27 2.62 -6.39 -15.04
CA ALA I 27 3.89 -6.99 -14.68
C ALA I 27 4.94 -6.59 -15.70
N VAL I 28 6.18 -6.45 -15.23
CA VAL I 28 7.32 -6.08 -16.07
C VAL I 28 8.38 -7.16 -15.92
N VAL I 29 8.80 -7.73 -17.05
CA VAL I 29 9.80 -8.79 -17.09
C VAL I 29 10.97 -8.31 -17.93
N GLY I 30 12.17 -8.39 -17.37
CA GLY I 30 13.35 -7.92 -18.06
C GLY I 30 14.49 -8.90 -18.13
N GLY I 31 14.88 -9.30 -19.34
CA GLY I 31 16.00 -10.20 -19.54
C GLY I 31 17.23 -9.46 -20.02
N LEU I 32 18.21 -9.31 -19.14
CA LEU I 32 19.42 -8.54 -19.43
C LEU I 32 20.71 -9.31 -19.23
N GLY I 33 20.70 -10.34 -18.41
CA GLY I 33 21.89 -11.14 -18.19
C GLY I 33 21.48 -12.51 -17.67
N GLY I 34 22.47 -13.35 -17.47
CA GLY I 34 22.18 -14.70 -17.05
C GLY I 34 21.59 -15.51 -18.18
N TYR I 35 21.03 -16.66 -17.80
CA TYR I 35 20.53 -17.59 -18.81
C TYR I 35 19.02 -17.61 -18.93
N MET I 36 18.31 -17.59 -17.79
CA MET I 36 16.84 -17.64 -17.70
C MET I 36 16.28 -18.89 -18.40
N LEU I 37 16.71 -20.06 -17.91
CA LEU I 37 16.18 -21.33 -18.37
C LEU I 37 14.82 -21.66 -17.73
N GLY I 38 14.39 -20.88 -16.75
CA GLY I 38 13.21 -21.24 -16.00
C GLY I 38 11.94 -20.59 -16.52
N SER I 39 11.39 -19.65 -15.76
CA SER I 39 10.16 -18.96 -16.13
C SER I 39 10.07 -17.68 -15.30
N ALA I 40 9.18 -16.79 -15.75
CA ALA I 40 8.80 -15.60 -14.99
C ALA I 40 7.30 -15.46 -15.15
N MET I 41 6.55 -16.03 -14.20
CA MET I 41 5.10 -16.08 -14.26
C MET I 41 4.51 -15.07 -13.29
N SER I 42 3.48 -14.37 -13.73
CA SER I 42 2.78 -13.40 -12.90
C SER I 42 1.30 -13.43 -13.23
N ARG I 43 0.47 -13.54 -12.20
CA ARG I 43 -0.99 -13.52 -12.36
C ARG I 43 -1.60 -12.63 -11.28
N PRO I 44 -1.53 -11.29 -11.45
CA PRO I 44 -2.20 -10.42 -10.48
C PRO I 44 -3.64 -10.12 -10.87
N ILE I 45 -4.59 -10.36 -9.96
CA ILE I 45 -5.99 -10.12 -10.26
C ILE I 45 -6.54 -9.08 -9.28
N ILE I 46 -7.63 -8.45 -9.70
CA ILE I 46 -8.38 -7.49 -8.88
C ILE I 46 -9.86 -7.79 -9.08
N HIS I 47 -10.56 -8.11 -7.99
CA HIS I 47 -11.98 -8.41 -8.05
C HIS I 47 -12.72 -7.50 -7.07
N PHE I 48 -13.82 -6.91 -7.53
CA PHE I 48 -14.64 -6.05 -6.70
C PHE I 48 -15.61 -6.92 -5.90
N GLY I 49 -16.60 -6.28 -5.26
CA GLY I 49 -17.54 -6.99 -4.42
C GLY I 49 -18.79 -7.37 -5.18
N SER I 50 -19.17 -8.64 -5.06
CA SER I 50 -20.31 -9.21 -5.77
C SER I 50 -21.55 -9.19 -4.89
N ASP I 51 -22.70 -8.92 -5.50
CA ASP I 51 -23.96 -8.76 -4.79
C ASP I 51 -24.75 -10.07 -4.81
N TYR I 52 -25.36 -10.40 -3.68
CA TYR I 52 -26.22 -11.59 -3.62
C TYR I 52 -27.55 -11.27 -2.96
N LYS J 13 34.24 -8.19 -0.80
CA LYS J 13 33.43 -7.36 0.09
C LYS J 13 31.96 -7.43 -0.29
N THR J 14 31.12 -7.77 0.69
CA THR J 14 29.69 -7.93 0.47
C THR J 14 28.95 -7.04 1.45
N ASN J 15 27.86 -6.43 0.98
CA ASN J 15 27.19 -5.38 1.74
C ASN J 15 25.68 -5.57 1.69
N MET J 16 25.04 -5.50 2.85
CA MET J 16 23.58 -5.52 2.96
C MET J 16 23.18 -4.47 4.00
N LYS J 17 22.44 -3.46 3.57
CA LYS J 17 22.29 -2.27 4.40
C LYS J 17 20.90 -1.66 4.26
N HIS J 18 20.39 -1.11 5.36
CA HIS J 18 19.21 -0.23 5.37
C HIS J 18 17.98 -0.92 4.78
N MET J 19 17.50 -1.92 5.52
CA MET J 19 16.33 -2.69 5.12
C MET J 19 15.34 -2.80 6.27
N ALA J 20 14.07 -2.99 5.90
CA ALA J 20 13.01 -3.27 6.86
C ALA J 20 11.92 -4.05 6.16
N GLY J 21 11.30 -4.97 6.90
CA GLY J 21 10.25 -5.81 6.35
C GLY J 21 9.02 -5.04 5.93
N ALA J 22 8.32 -4.46 6.91
CA ALA J 22 7.13 -3.68 6.63
C ALA J 22 7.10 -2.46 7.55
N ALA J 23 6.67 -1.33 7.00
CA ALA J 23 6.59 -0.09 7.75
C ALA J 23 5.28 0.61 7.42
N ALA J 24 4.53 0.99 8.45
CA ALA J 24 3.23 1.61 8.26
C ALA J 24 3.03 2.73 9.26
N ALA J 25 2.45 3.83 8.80
CA ALA J 25 2.22 5.01 9.63
C ALA J 25 0.88 5.61 9.29
N GLY J 26 0.11 5.95 10.31
CA GLY J 26 -1.21 6.50 10.06
C GLY J 26 -1.86 6.97 11.35
N ALA J 27 -3.06 7.52 11.20
CA ALA J 27 -3.78 8.06 12.35
C ALA J 27 -5.28 7.95 12.10
N VAL J 28 -6.02 7.75 13.18
CA VAL J 28 -7.48 7.62 13.14
C VAL J 28 -8.07 8.68 14.06
N VAL J 29 -8.95 9.51 13.52
CA VAL J 29 -9.60 10.58 14.25
C VAL J 29 -11.11 10.36 14.22
N GLY J 30 -11.73 10.35 15.39
CA GLY J 30 -13.16 10.10 15.46
C GLY J 30 -13.95 11.11 16.25
N GLY J 31 -14.87 11.79 15.59
CA GLY J 31 -15.74 12.75 16.24
C GLY J 31 -17.13 12.19 16.48
N LEU J 32 -17.44 11.88 17.73
CA LEU J 32 -18.70 11.24 18.10
C LEU J 32 -19.49 11.99 19.15
N GLY J 33 -18.85 12.82 19.96
CA GLY J 33 -19.55 13.59 20.97
C GLY J 33 -18.68 14.78 21.36
N GLY J 34 -19.23 15.60 22.24
CA GLY J 34 -18.53 16.79 22.62
C GLY J 34 -18.57 17.82 21.50
N TYR J 35 -17.72 18.83 21.65
CA TYR J 35 -17.74 19.95 20.71
C TYR J 35 -16.59 19.94 19.72
N MET J 36 -15.37 19.63 20.20
CA MET J 36 -14.13 19.61 19.40
C MET J 36 -13.87 20.96 18.72
N LEU J 37 -13.75 22.00 19.54
CA LEU J 37 -13.37 23.32 19.08
C LEU J 37 -11.87 23.45 18.82
N GLY J 38 -11.09 22.45 19.22
CA GLY J 38 -9.65 22.57 19.15
C GLY J 38 -9.03 22.03 17.88
N SER J 39 -8.32 20.91 18.00
CA SER J 39 -7.65 20.27 16.87
C SER J 39 -7.31 18.84 17.26
N ALA J 40 -7.01 18.04 16.24
CA ALA J 40 -6.47 16.69 16.42
C ALA J 40 -5.37 16.54 15.37
N MET J 41 -4.14 16.85 15.76
CA MET J 41 -3.00 16.85 14.86
C MET J 41 -2.13 15.64 15.11
N SER J 42 -1.69 15.01 14.04
CA SER J 42 -0.81 13.85 14.12
C SER J 42 0.20 13.90 12.99
N ARG J 43 1.48 13.74 13.31
CA ARG J 43 2.55 13.70 12.31
C ARG J 43 3.51 12.56 12.65
N PRO J 44 3.14 11.31 12.35
CA PRO J 44 4.09 10.21 12.57
C PRO J 44 4.97 9.96 11.36
N ILE J 45 6.29 9.94 11.55
CA ILE J 45 7.20 9.73 10.45
C ILE J 45 8.04 8.47 10.71
N ILE J 46 8.55 7.90 9.62
CA ILE J 46 9.47 6.77 9.69
C ILE J 46 10.60 7.04 8.69
N HIS J 47 11.84 7.07 9.18
CA HIS J 47 13.00 7.32 8.33
C HIS J 47 13.99 6.19 8.52
N PHE J 48 14.51 5.68 7.40
CA PHE J 48 15.51 4.62 7.44
C PHE J 48 16.89 5.24 7.62
N GLY J 49 17.94 4.44 7.43
CA GLY J 49 19.30 4.91 7.65
C GLY J 49 19.93 5.40 6.37
N SER J 50 20.52 6.59 6.44
CA SER J 50 21.11 7.26 5.30
C SER J 50 22.61 7.00 5.25
N ASP J 51 23.14 6.84 4.04
CA ASP J 51 24.53 6.47 3.82
C ASP J 51 25.36 7.72 3.55
N TYR J 52 26.56 7.77 4.12
CA TYR J 52 27.49 8.87 3.85
C TYR J 52 28.88 8.35 3.53
#